data_3LEM
#
_entry.id   3LEM
#
_cell.length_a   98.684
_cell.length_b   110.730
_cell.length_c   66.004
_cell.angle_alpha   90.00
_cell.angle_beta   90.00
_cell.angle_gamma   90.00
#
_symmetry.space_group_name_H-M   'P 21 21 2'
#
loop_
_entity.id
_entity.type
_entity.pdbx_description
1 polymer Fructosyltransferase
2 branched beta-D-fructofuranose-(2-1)-beta-D-fructofuranose-(2-1)-beta-D-fructofuranose-(2-1)-alpha-D-glucopyranose
3 water water
#
_entity_poly.entity_id   1
_entity_poly.type   'polypeptide(L)'
_entity_poly.pdbx_seq_one_letter_code
;SYHLDTTAPPPTNLSTLPNNTLFHLWRPRAHILPAEGQIGDPCAHYTDPSTGLFHVGFLHDGDGIAGATTANLATYTDTS
DNGSFLIQPGGKNDPVAVFDGAVIPVGVNNTPTLLYTSVSFLPIHWSIPYTRGSETQSLAVARDGGRRFDKLDQGPVIAD
HPFAVDVTAFRAPFVFRSARLDVLLSLDEEVARNETAVQQAVDGWTEKNAPWYVAVSGGVHGVGPAQFLYRQNGGNASEF
QYWEYLGEWWQEATNSSWGDEGTWAGRWGFNFETGNVLFLTEEGHDPQTGEVFVTLGTEGSGLPIVPQVSSIHDMLWAAG
EVGVGSEQEGAKVEFSPSMAGFLDWGFSAYAAAGKVLPASSAVSKTSGVEVDRYVSFVWLTGDQYEQADGFPTAQQGWTG
SLLLPRELKVQTVENVVDNELVREEGVSWVVGESDNQTATLRTLGITIARETKAALLANGSVTAEEDRTLQTAAVVPFAQ
SPSSKFFVLTAQLEFPASARSSPLQSGFEILASELERTAIYYQFSNESLVVDRSQTSAAAPTNPGLDSFTESGKLRLFDV
IENGQEQVETLDLTVVVDNAVVEVYANGRFALSTWARSWYDNSTQIRFFHNGEGEVQFRNVSVSEGLYNAWPER
;
_entity_poly.pdbx_strand_id   A
#
# COMPACT_ATOMS: atom_id res chain seq x y z
N SER A 1 37.58 11.76 18.84
CA SER A 1 36.11 11.51 18.83
C SER A 1 35.51 11.76 17.45
N TYR A 2 34.40 11.09 17.16
CA TYR A 2 33.75 11.24 15.86
C TYR A 2 32.39 11.92 15.90
N HIS A 3 32.25 12.98 15.12
CA HIS A 3 30.99 13.71 15.03
C HIS A 3 30.56 13.56 13.58
N LEU A 4 29.26 13.36 13.35
CA LEU A 4 28.74 13.17 12.00
C LEU A 4 29.08 14.29 11.03
N ASP A 5 29.81 13.94 9.98
CA ASP A 5 30.20 14.89 8.94
C ASP A 5 29.89 14.23 7.59
N THR A 6 28.83 14.54 7.04
CA THR A 6 28.43 13.95 5.77
C THR A 6 29.06 14.58 4.53
N THR A 7 30.10 15.27 4.68
CA THR A 7 30.79 15.86 3.55
C THR A 7 32.07 15.04 3.43
N ALA A 8 32.33 14.27 4.48
CA ALA A 8 33.52 13.41 4.56
C ALA A 8 33.08 11.96 4.43
N PRO A 9 34.02 11.06 4.07
CA PRO A 9 33.71 9.63 3.92
C PRO A 9 33.06 9.04 5.16
N PRO A 10 32.16 8.07 4.97
CA PRO A 10 31.49 7.43 6.11
C PRO A 10 32.40 6.48 6.88
N PRO A 11 32.16 6.35 8.19
CA PRO A 11 32.99 5.43 8.97
C PRO A 11 32.74 4.03 8.39
N THR A 12 33.70 3.13 8.54
CA THR A 12 33.51 1.80 8.00
C THR A 12 32.36 1.05 8.67
N ASN A 13 32.18 1.25 9.97
CA ASN A 13 31.12 0.56 10.70
C ASN A 13 30.19 1.54 11.40
N LEU A 14 29.04 1.78 10.78
CA LEU A 14 28.04 2.69 11.31
C LEU A 14 27.48 2.21 12.65
N SER A 15 27.47 0.91 12.86
CA SER A 15 26.93 0.35 14.09
C SER A 15 27.79 0.59 15.32
N THR A 16 28.91 1.30 15.15
CA THR A 16 29.78 1.61 16.28
C THR A 16 29.50 3.02 16.79
N LEU A 17 28.87 3.83 15.94
CA LEU A 17 28.54 5.20 16.31
C LEU A 17 27.59 5.26 17.50
N PRO A 18 27.54 6.42 18.18
CA PRO A 18 26.68 6.64 19.34
C PRO A 18 25.20 6.66 18.96
N ASN A 19 24.33 6.28 19.91
CA ASN A 19 22.91 6.26 19.67
C ASN A 19 22.43 7.59 19.08
N ASN A 20 21.40 7.52 18.25
CA ASN A 20 20.81 8.71 17.65
C ASN A 20 21.73 9.57 16.80
N THR A 21 22.94 9.11 16.53
CA THR A 21 23.87 9.88 15.72
C THR A 21 23.36 10.09 14.30
N LEU A 22 22.71 9.08 13.74
CA LEU A 22 22.19 9.12 12.38
C LEU A 22 20.70 9.47 12.29
N PHE A 23 20.16 10.09 13.34
CA PHE A 23 18.73 10.43 13.37
C PHE A 23 18.15 11.17 12.17
N HIS A 24 18.81 12.24 11.73
CA HIS A 24 18.29 13.02 10.61
C HIS A 24 18.84 12.68 9.23
N LEU A 25 19.96 11.95 9.20
CA LEU A 25 20.60 11.60 7.94
C LEU A 25 19.67 11.15 6.79
N TRP A 26 18.78 10.21 7.09
CA TRP A 26 17.88 9.69 6.07
C TRP A 26 16.38 9.92 6.33
N ARG A 27 16.06 10.73 7.34
CA ARG A 27 14.68 10.99 7.74
C ARG A 27 13.84 11.89 6.82
N PRO A 28 12.62 11.44 6.46
CA PRO A 28 11.72 12.18 5.59
C PRO A 28 11.07 13.33 6.38
N ARG A 29 10.54 14.32 5.67
CA ARG A 29 9.91 15.46 6.32
C ARG A 29 8.43 15.55 5.95
N ALA A 30 8.06 14.91 4.84
CA ALA A 30 6.68 14.97 4.40
C ALA A 30 5.94 13.64 4.54
N HIS A 31 6.51 12.72 5.31
CA HIS A 31 5.88 11.41 5.50
C HIS A 31 5.38 11.13 6.91
N ILE A 32 4.48 10.17 7.01
CA ILE A 32 3.90 9.76 8.29
C ILE A 32 4.77 8.75 9.06
N LEU A 33 5.31 9.18 10.19
CA LEU A 33 6.10 8.32 11.06
C LEU A 33 6.11 8.93 12.46
N PRO A 34 6.34 8.10 13.48
CA PRO A 34 6.37 8.59 14.87
C PRO A 34 7.53 9.54 15.11
N ALA A 35 7.45 10.32 16.20
CA ALA A 35 8.52 11.27 16.51
C ALA A 35 9.87 10.54 16.61
N GLU A 36 9.83 9.26 16.98
CA GLU A 36 11.04 8.43 17.06
C GLU A 36 10.61 6.98 17.20
N GLY A 37 11.56 6.07 17.27
CA GLY A 37 11.22 4.67 17.42
C GLY A 37 10.75 4.02 16.13
N GLN A 38 10.27 2.79 16.24
CA GLN A 38 9.83 2.08 15.05
C GLN A 38 8.34 2.11 14.80
N ILE A 39 7.98 2.04 13.51
CA ILE A 39 6.58 2.02 13.12
C ILE A 39 6.33 0.73 12.33
N GLY A 40 5.22 0.07 12.67
CA GLY A 40 4.83 -1.16 12.01
C GLY A 40 3.64 -0.91 11.08
N ASP A 41 2.75 -1.90 10.96
CA ASP A 41 1.59 -1.76 10.08
C ASP A 41 0.68 -0.58 10.41
N PRO A 42 0.19 0.06 9.35
CA PRO A 42 -0.85 1.08 9.47
C PRO A 42 -2.23 0.43 9.65
N CYS A 43 -2.97 0.89 10.65
CA CYS A 43 -4.27 0.34 10.99
C CYS A 43 -5.14 1.37 11.70
N ALA A 44 -6.37 1.08 11.85
CA ALA A 44 -7.30 1.83 12.68
C ALA A 44 -7.63 3.25 12.23
N HIS A 45 -7.61 3.51 10.92
CA HIS A 45 -7.95 4.84 10.43
C HIS A 45 -9.47 5.04 10.49
N TYR A 46 -10.00 6.26 10.88
CA TYR A 46 -11.42 6.58 10.90
C TYR A 46 -11.69 8.08 10.89
N THR A 47 -12.71 8.45 10.13
CA THR A 47 -13.05 9.84 9.88
C THR A 47 -14.10 10.23 10.90
N ASP A 48 -13.66 10.94 11.92
CA ASP A 48 -14.48 11.16 13.10
C ASP A 48 -15.78 11.85 12.68
N PRO A 49 -16.93 11.18 12.88
CA PRO A 49 -18.26 11.70 12.54
C PRO A 49 -18.50 13.09 13.11
N SER A 50 -18.17 13.24 14.38
CA SER A 50 -18.35 14.49 15.12
C SER A 50 -17.54 15.70 14.61
N THR A 51 -16.23 15.51 14.47
CA THR A 51 -15.32 16.57 14.06
C THR A 51 -14.94 16.58 12.57
N GLY A 52 -15.22 15.49 11.87
CA GLY A 52 -14.87 15.42 10.47
C GLY A 52 -13.37 15.23 10.25
N LEU A 53 -12.59 15.19 11.33
CA LEU A 53 -11.15 14.98 11.21
C LEU A 53 -10.86 13.53 10.83
N PHE A 54 -9.73 13.31 10.16
CA PHE A 54 -9.35 11.96 9.76
C PHE A 54 -8.25 11.49 10.70
N HIS A 55 -8.50 10.39 11.39
CA HIS A 55 -7.55 9.82 12.31
C HIS A 55 -6.75 8.72 11.61
N VAL A 56 -5.44 8.72 11.84
CA VAL A 56 -4.55 7.74 11.26
C VAL A 56 -3.97 6.92 12.40
N GLY A 57 -3.72 5.63 12.15
CA GLY A 57 -3.16 4.78 13.18
C GLY A 57 -2.06 3.88 12.66
N PHE A 58 -1.23 3.36 13.55
CA PHE A 58 -0.14 2.47 13.17
C PHE A 58 0.47 1.81 14.39
N LEU A 59 0.92 0.57 14.21
CA LEU A 59 1.55 -0.15 15.29
C LEU A 59 2.85 0.61 15.52
N HIS A 60 3.26 0.72 16.78
CA HIS A 60 4.44 1.48 17.14
C HIS A 60 5.25 0.77 18.24
N ASP A 61 6.53 0.52 17.93
CA ASP A 61 7.46 -0.16 18.84
C ASP A 61 7.00 -1.56 19.26
N GLY A 62 6.11 -2.15 18.48
CA GLY A 62 5.60 -3.47 18.82
C GLY A 62 4.93 -3.43 20.19
N ASP A 63 4.51 -2.27 20.69
CA ASP A 63 3.86 -2.13 22.00
C ASP A 63 2.49 -1.48 21.90
N GLY A 64 1.80 -1.70 20.78
CA GLY A 64 0.46 -1.12 20.59
C GLY A 64 0.24 -0.18 19.41
N ILE A 65 -0.99 0.35 19.28
CA ILE A 65 -1.37 1.26 18.21
C ILE A 65 -1.27 2.71 18.67
N ALA A 66 -0.60 3.53 17.87
CA ALA A 66 -0.45 4.96 18.15
C ALA A 66 -1.27 5.70 17.11
N GLY A 67 -1.56 6.98 17.35
CA GLY A 67 -2.36 7.72 16.41
C GLY A 67 -1.95 9.14 16.12
N ALA A 68 -2.66 9.74 15.17
CA ALA A 68 -2.43 11.10 14.76
C ALA A 68 -3.68 11.51 14.00
N THR A 69 -3.86 12.80 13.80
CA THR A 69 -5.03 13.30 13.11
C THR A 69 -4.68 14.37 12.09
N THR A 70 -5.54 14.54 11.11
CA THR A 70 -5.34 15.56 10.11
C THR A 70 -6.68 16.16 9.75
N ALA A 71 -6.66 17.40 9.28
CA ALA A 71 -7.88 18.10 8.88
C ALA A 71 -7.82 18.40 7.39
N ASN A 72 -6.60 18.30 6.84
CA ASN A 72 -6.42 18.60 5.43
C ASN A 72 -5.71 17.50 4.64
N LEU A 73 -5.20 16.47 5.32
CA LEU A 73 -4.49 15.37 4.66
C LEU A 73 -3.09 15.77 4.22
N ALA A 74 -2.71 17.00 4.51
CA ALA A 74 -1.34 17.48 4.26
C ALA A 74 -0.44 17.46 5.50
N THR A 75 -0.99 17.87 6.64
CA THR A 75 -0.25 18.00 7.90
C THR A 75 -0.90 17.15 8.98
N TYR A 76 -0.09 16.65 9.90
CA TYR A 76 -0.58 15.79 10.95
C TYR A 76 -0.20 16.27 12.34
N THR A 77 -0.93 15.77 13.34
CA THR A 77 -0.71 16.10 14.73
C THR A 77 -0.82 14.82 15.55
N ASP A 78 0.16 14.56 16.39
CA ASP A 78 0.16 13.39 17.25
C ASP A 78 -0.99 13.49 18.26
N THR A 79 -1.67 12.37 18.52
CA THR A 79 -2.77 12.38 19.47
C THR A 79 -2.27 12.73 20.86
N SER A 80 -1.03 12.31 21.21
CA SER A 80 -0.44 12.57 22.51
C SER A 80 1.06 12.32 22.46
N ASP A 81 1.78 12.75 23.47
CA ASP A 81 3.20 12.55 23.54
C ASP A 81 3.51 11.18 24.11
N ASN A 82 4.79 10.95 24.43
CA ASN A 82 5.24 9.68 24.98
C ASN A 82 4.85 8.47 24.13
N GLY A 83 4.90 8.63 22.81
CA GLY A 83 4.54 7.53 21.94
C GLY A 83 3.22 7.75 21.23
N SER A 84 2.37 8.61 21.78
CA SER A 84 1.07 8.93 21.18
C SER A 84 0.21 7.69 21.01
N PHE A 85 0.32 6.77 21.98
CA PHE A 85 -0.43 5.52 21.96
C PHE A 85 -1.92 5.64 22.20
N LEU A 86 -2.69 4.84 21.47
CA LEU A 86 -4.12 4.81 21.61
C LEU A 86 -4.54 3.61 22.47
N ILE A 87 -3.85 2.49 22.28
CA ILE A 87 -4.14 1.27 23.02
C ILE A 87 -2.91 0.39 23.02
N GLN A 88 -2.63 -0.26 24.16
CA GLN A 88 -1.46 -1.11 24.32
C GLN A 88 -1.81 -2.44 25.02
N PRO A 89 -0.98 -3.49 24.85
CA PRO A 89 -1.27 -4.78 25.48
C PRO A 89 -1.20 -4.78 27.00
N GLY A 90 -1.64 -5.87 27.61
CA GLY A 90 -1.64 -5.96 29.05
C GLY A 90 -3.05 -6.14 29.61
N GLY A 91 -4.05 -6.15 28.75
CA GLY A 91 -5.41 -6.35 29.21
C GLY A 91 -5.61 -7.85 29.39
N LYS A 92 -6.83 -8.27 29.72
CA LYS A 92 -7.14 -9.69 29.91
C LYS A 92 -7.22 -10.41 28.55
N ASN A 93 -7.63 -9.69 27.52
CA ASN A 93 -7.77 -10.28 26.19
C ASN A 93 -6.47 -10.21 25.38
N ASP A 94 -5.60 -9.27 25.73
CA ASP A 94 -4.35 -9.08 25.02
C ASP A 94 -3.17 -8.99 25.99
N PRO A 95 -2.92 -10.06 26.76
CA PRO A 95 -1.81 -10.00 27.70
C PRO A 95 -0.44 -9.95 27.04
N VAL A 96 -0.35 -10.46 25.81
CA VAL A 96 0.94 -10.46 25.12
C VAL A 96 1.12 -9.32 24.15
N ALA A 97 0.13 -9.07 23.28
CA ALA A 97 0.26 -7.97 22.31
C ALA A 97 -1.05 -7.51 21.69
N VAL A 98 -0.95 -6.36 21.01
CA VAL A 98 -2.07 -5.75 20.32
C VAL A 98 -1.66 -5.64 18.84
N PHE A 99 -2.37 -6.39 18.04
CA PHE A 99 -2.08 -6.36 16.61
C PHE A 99 -3.03 -5.41 15.85
N ASP A 100 -3.00 -5.32 14.45
CA ASP A 100 -3.86 -4.45 13.64
C ASP A 100 -5.34 -4.52 14.00
N GLY A 101 -6.08 -3.48 13.61
CA GLY A 101 -7.50 -3.42 13.86
C GLY A 101 -8.11 -2.32 13.00
N ALA A 102 -9.44 -2.25 12.93
CA ALA A 102 -10.11 -1.23 12.13
C ALA A 102 -11.25 -0.62 12.94
N VAL A 103 -11.68 0.58 12.54
CA VAL A 103 -12.71 1.30 13.28
C VAL A 103 -14.08 1.51 12.61
N ILE A 104 -15.12 1.34 13.42
CA ILE A 104 -16.50 1.58 12.99
C ILE A 104 -16.74 2.96 13.61
N PRO A 105 -16.91 3.99 12.75
CA PRO A 105 -17.14 5.35 13.24
C PRO A 105 -18.27 5.49 14.27
N VAL A 106 -19.43 4.89 13.98
CA VAL A 106 -20.56 4.95 14.92
C VAL A 106 -20.82 3.53 15.42
N GLY A 107 -20.14 3.17 16.50
CA GLY A 107 -20.23 1.82 17.05
C GLY A 107 -20.86 1.78 18.42
N VAL A 108 -20.15 1.18 19.38
CA VAL A 108 -20.67 1.08 20.74
C VAL A 108 -20.81 2.47 21.32
N ASN A 109 -21.91 2.71 22.04
CA ASN A 109 -22.21 4.00 22.63
C ASN A 109 -22.21 5.07 21.54
N ASN A 110 -22.47 4.64 20.31
CA ASN A 110 -22.53 5.53 19.15
C ASN A 110 -21.22 6.26 18.87
N THR A 111 -20.12 5.75 19.41
CA THR A 111 -18.81 6.37 19.23
C THR A 111 -17.88 5.48 18.41
N PRO A 112 -16.75 6.03 17.96
CA PRO A 112 -15.79 5.24 17.18
C PRO A 112 -15.39 3.98 17.95
N THR A 113 -15.56 2.83 17.31
CA THR A 113 -15.26 1.55 17.93
C THR A 113 -14.23 0.74 17.18
N LEU A 114 -13.15 0.39 17.88
CA LEU A 114 -12.05 -0.37 17.32
C LEU A 114 -12.20 -1.89 17.50
N LEU A 115 -12.12 -2.63 16.40
CA LEU A 115 -12.18 -4.08 16.43
C LEU A 115 -10.75 -4.47 16.06
N TYR A 116 -10.03 -5.06 17.02
CA TYR A 116 -8.62 -5.40 16.80
C TYR A 116 -8.23 -6.77 17.31
N THR A 117 -7.11 -7.26 16.81
CA THR A 117 -6.61 -8.57 17.20
C THR A 117 -5.85 -8.45 18.52
N SER A 118 -6.39 -9.13 19.53
CA SER A 118 -5.80 -9.19 20.86
C SER A 118 -5.02 -10.49 20.89
N VAL A 119 -3.75 -10.39 21.24
CA VAL A 119 -2.83 -11.52 21.25
C VAL A 119 -2.51 -12.06 22.66
N SER A 120 -2.59 -13.38 22.81
CA SER A 120 -2.33 -14.00 24.11
C SER A 120 -1.16 -15.00 24.09
N PHE A 121 -0.70 -15.38 22.91
CA PHE A 121 0.42 -16.33 22.77
C PHE A 121 1.31 -16.02 21.58
N LEU A 122 2.61 -16.28 21.75
CA LEU A 122 3.62 -16.12 20.71
C LEU A 122 4.53 -17.34 20.81
N PRO A 123 5.21 -17.72 19.71
CA PRO A 123 5.19 -17.11 18.39
C PRO A 123 3.97 -17.47 17.54
N ILE A 124 3.75 -16.70 16.50
CA ILE A 124 2.65 -16.96 15.58
C ILE A 124 3.23 -16.86 14.17
N HIS A 125 3.17 -17.93 13.40
CA HIS A 125 3.70 -17.89 12.03
C HIS A 125 3.08 -19.00 11.21
N TRP A 126 2.90 -18.74 9.90
CA TRP A 126 2.31 -19.73 9.02
C TRP A 126 3.13 -21.00 8.85
N SER A 127 4.44 -20.91 9.07
CA SER A 127 5.30 -22.08 8.89
C SER A 127 5.44 -23.00 10.12
N ILE A 128 4.70 -22.70 11.20
CA ILE A 128 4.77 -23.51 12.41
C ILE A 128 3.38 -23.78 12.98
N PRO A 129 3.26 -24.72 13.93
CA PRO A 129 1.95 -25.02 14.51
C PRO A 129 1.31 -23.78 15.14
N TYR A 130 0.00 -23.68 15.02
CA TYR A 130 -0.74 -22.55 15.58
C TYR A 130 -1.21 -22.90 16.99
N THR A 131 -0.90 -22.02 17.94
CA THR A 131 -1.32 -22.21 19.34
C THR A 131 -2.78 -21.71 19.48
N ARG A 132 -3.68 -22.59 19.90
CA ARG A 132 -5.08 -22.22 20.07
C ARG A 132 -5.24 -20.98 20.95
N GLY A 133 -6.04 -20.01 20.51
CA GLY A 133 -6.27 -18.80 21.27
C GLY A 133 -5.21 -17.72 21.16
N SER A 134 -4.24 -17.91 20.26
CA SER A 134 -3.17 -16.94 20.07
C SER A 134 -3.70 -15.56 19.70
N GLU A 135 -4.69 -15.56 18.81
CA GLU A 135 -5.27 -14.32 18.32
C GLU A 135 -6.81 -14.32 18.43
N THR A 136 -7.36 -13.29 19.05
CA THR A 136 -8.80 -13.15 19.18
C THR A 136 -9.13 -11.72 18.74
N GLN A 137 -10.39 -11.43 18.47
CA GLN A 137 -10.74 -10.07 18.05
C GLN A 137 -11.56 -9.43 19.18
N SER A 138 -11.06 -8.31 19.70
CA SER A 138 -11.69 -7.59 20.80
C SER A 138 -12.14 -6.18 20.42
N LEU A 139 -12.99 -5.60 21.27
CA LEU A 139 -13.51 -4.27 21.06
C LEU A 139 -12.96 -3.26 22.06
N ALA A 140 -12.80 -2.03 21.60
CA ALA A 140 -12.34 -0.94 22.45
C ALA A 140 -13.07 0.28 21.90
N VAL A 141 -13.36 1.24 22.78
CA VAL A 141 -14.09 2.45 22.40
C VAL A 141 -13.23 3.71 22.50
N ALA A 142 -13.42 4.64 21.56
CA ALA A 142 -12.66 5.88 21.54
C ALA A 142 -13.07 6.84 22.67
N ARG A 143 -12.09 7.49 23.29
CA ARG A 143 -12.32 8.43 24.38
C ARG A 143 -11.52 9.70 24.13
N ASP A 144 -12.05 10.77 24.60
CA ASP A 144 -11.49 12.13 24.55
C ASP A 144 -11.11 12.59 23.15
N GLY A 145 -12.09 12.59 22.25
CA GLY A 145 -11.82 12.87 20.84
C GLY A 145 -11.16 11.75 20.05
N GLY A 146 -10.72 10.67 20.71
CA GLY A 146 -10.06 9.61 19.97
C GLY A 146 -8.58 9.56 20.24
N ARG A 147 -8.14 10.26 21.28
CA ARG A 147 -6.73 10.30 21.65
C ARG A 147 -6.39 9.05 22.44
N ARG A 148 -7.39 8.20 22.66
CA ARG A 148 -7.22 6.97 23.40
C ARG A 148 -8.39 6.03 23.15
N PHE A 149 -8.11 4.73 23.15
CA PHE A 149 -9.14 3.72 22.96
C PHE A 149 -9.20 2.82 24.20
N ASP A 150 -10.33 2.84 24.89
CA ASP A 150 -10.52 2.03 26.09
C ASP A 150 -11.14 0.70 25.71
N LYS A 151 -10.50 -0.39 26.15
CA LYS A 151 -10.98 -1.73 25.85
C LYS A 151 -12.30 -1.97 26.58
N LEU A 152 -13.24 -2.65 25.94
CA LEU A 152 -14.51 -2.97 26.61
C LEU A 152 -14.17 -4.00 27.67
N ASP A 153 -14.81 -3.87 28.83
CA ASP A 153 -14.55 -4.78 29.95
C ASP A 153 -15.27 -6.14 29.80
N GLN A 154 -14.82 -6.91 28.82
CA GLN A 154 -15.37 -8.23 28.52
C GLN A 154 -14.33 -8.93 27.63
N GLY A 155 -14.55 -10.22 27.36
CA GLY A 155 -13.61 -10.94 26.51
C GLY A 155 -13.81 -10.60 25.05
N PRO A 156 -13.08 -11.23 24.11
CA PRO A 156 -13.20 -10.94 22.68
C PRO A 156 -14.61 -11.23 22.13
N VAL A 157 -15.04 -10.47 21.11
CA VAL A 157 -16.36 -10.67 20.51
C VAL A 157 -16.30 -11.78 19.47
N ILE A 158 -15.08 -12.14 19.08
CA ILE A 158 -14.83 -13.24 18.16
C ILE A 158 -13.70 -13.91 18.90
N ALA A 159 -14.03 -14.82 19.81
CA ALA A 159 -13.06 -15.50 20.66
C ALA A 159 -12.31 -16.69 20.09
N ASP A 160 -12.56 -17.06 18.84
CA ASP A 160 -11.87 -18.23 18.29
C ASP A 160 -11.96 -18.20 16.79
N HIS A 161 -11.04 -18.90 16.13
CA HIS A 161 -11.04 -18.97 14.68
C HIS A 161 -12.12 -20.00 14.33
N PRO A 162 -12.48 -20.12 13.04
CA PRO A 162 -13.50 -21.08 12.62
C PRO A 162 -13.31 -22.46 13.27
N PHE A 163 -14.42 -23.03 13.74
CA PHE A 163 -14.39 -24.31 14.43
C PHE A 163 -13.65 -25.44 13.76
N ALA A 164 -12.64 -25.96 14.47
CA ALA A 164 -11.82 -27.08 14.02
C ALA A 164 -11.02 -26.79 12.75
N VAL A 165 -10.92 -25.52 12.38
CA VAL A 165 -10.14 -25.17 11.20
C VAL A 165 -8.71 -24.87 11.64
N ASP A 166 -7.75 -25.55 11.05
CA ASP A 166 -6.35 -25.36 11.42
C ASP A 166 -5.75 -24.13 10.72
N VAL A 167 -6.13 -22.94 11.20
CA VAL A 167 -5.63 -21.69 10.59
C VAL A 167 -4.13 -21.47 10.75
N THR A 168 -3.56 -20.72 9.80
CA THR A 168 -2.14 -20.39 9.85
C THR A 168 -2.01 -19.05 10.56
N ALA A 169 -3.09 -18.27 10.53
CA ALA A 169 -3.06 -16.95 11.14
C ALA A 169 -4.49 -16.41 11.23
N PHE A 170 -4.74 -15.92 12.33
CA PHE A 170 -6.09 -15.43 12.43
C PHE A 170 -6.07 -14.02 13.00
N ARG A 171 -5.94 -12.93 12.06
CA ARG A 171 -5.79 -11.56 12.56
C ARG A 171 -6.07 -10.47 11.52
N ALA A 172 -5.94 -9.10 11.93
CA ALA A 172 -6.14 -7.92 11.10
C ALA A 172 -7.57 -7.70 10.64
N PRO A 173 -8.53 -7.68 11.58
CA PRO A 173 -9.91 -7.46 11.17
C PRO A 173 -10.12 -6.14 10.46
N PHE A 174 -10.82 -6.18 9.33
CA PHE A 174 -11.11 -4.98 8.54
C PHE A 174 -12.63 -4.91 8.32
N VAL A 175 -13.23 -3.80 8.75
CA VAL A 175 -14.69 -3.62 8.64
C VAL A 175 -15.12 -2.82 7.42
N PHE A 176 -16.28 -3.19 6.86
CA PHE A 176 -16.80 -2.51 5.68
C PHE A 176 -18.28 -2.83 5.48
N ARG A 177 -18.92 -2.05 4.63
CA ARG A 177 -20.34 -2.26 4.29
C ARG A 177 -20.41 -2.54 2.81
N SER A 178 -21.47 -3.22 2.38
CA SER A 178 -21.60 -3.58 0.97
C SER A 178 -23.02 -3.90 0.57
N ALA A 179 -23.49 -3.22 -0.47
CA ALA A 179 -24.84 -3.43 -0.97
C ALA A 179 -24.94 -4.84 -1.55
N ARG A 180 -23.99 -5.20 -2.40
CA ARG A 180 -24.01 -6.52 -3.01
C ARG A 180 -24.00 -7.67 -2.01
N LEU A 181 -23.20 -7.57 -0.96
CA LEU A 181 -23.17 -8.63 0.04
C LEU A 181 -24.52 -8.72 0.75
N ASP A 182 -25.07 -7.58 1.14
CA ASP A 182 -26.38 -7.57 1.79
C ASP A 182 -27.42 -8.18 0.87
N VAL A 183 -27.40 -7.80 -0.40
CA VAL A 183 -28.37 -8.31 -1.37
C VAL A 183 -28.24 -9.82 -1.53
N LEU A 184 -27.03 -10.28 -1.85
CA LEU A 184 -26.81 -11.71 -2.04
C LEU A 184 -27.24 -12.51 -0.81
N LEU A 185 -27.01 -11.96 0.38
CA LEU A 185 -27.38 -12.63 1.62
C LEU A 185 -28.86 -12.53 1.97
N SER A 186 -29.52 -11.45 1.53
CA SER A 186 -30.91 -11.19 1.93
C SER A 186 -31.88 -11.79 0.93
N LEU A 187 -31.29 -12.32 -0.14
CA LEU A 187 -32.01 -12.81 -1.29
C LEU A 187 -32.32 -14.28 -1.06
N ASP A 188 -32.65 -14.94 -2.09
CA ASP A 188 -32.77 -16.39 -2.08
C ASP A 188 -31.59 -16.97 -2.86
N GLU A 189 -31.29 -18.28 -2.64
CA GLU A 189 -30.13 -18.89 -3.29
C GLU A 189 -30.36 -19.05 -4.78
N GLU A 190 -31.63 -19.08 -5.19
CA GLU A 190 -31.97 -19.21 -6.61
C GLU A 190 -32.25 -17.85 -7.24
N VAL A 191 -32.76 -16.90 -6.45
CA VAL A 191 -33.06 -15.56 -6.95
C VAL A 191 -31.82 -14.66 -6.97
N ALA A 192 -30.83 -15.01 -6.15
CA ALA A 192 -29.58 -14.25 -6.08
C ALA A 192 -28.54 -14.80 -7.05
N ARG A 193 -29.03 -15.49 -8.09
CA ARG A 193 -28.16 -16.06 -9.12
C ARG A 193 -28.14 -15.12 -10.31
N ASN A 194 -29.33 -14.68 -10.72
CA ASN A 194 -29.47 -13.76 -11.85
C ASN A 194 -29.13 -12.33 -11.45
N GLU A 195 -28.04 -11.83 -12.01
CA GLU A 195 -27.56 -10.47 -11.73
C GLU A 195 -28.69 -9.45 -11.83
N THR A 196 -29.68 -9.75 -12.66
CA THR A 196 -30.81 -8.86 -12.86
C THR A 196 -31.55 -8.60 -11.55
N ALA A 197 -32.21 -9.64 -11.02
CA ALA A 197 -32.93 -9.52 -9.75
C ALA A 197 -32.05 -8.88 -8.68
N VAL A 198 -30.80 -9.34 -8.60
CA VAL A 198 -29.84 -8.84 -7.63
C VAL A 198 -29.62 -7.34 -7.79
N GLN A 199 -29.10 -6.94 -8.94
CA GLN A 199 -28.84 -5.52 -9.23
C GLN A 199 -30.02 -4.63 -8.89
N GLN A 200 -31.23 -5.15 -9.09
CA GLN A 200 -32.44 -4.40 -8.81
C GLN A 200 -32.63 -4.11 -7.32
N ALA A 201 -32.02 -4.93 -6.47
CA ALA A 201 -32.13 -4.74 -5.03
C ALA A 201 -31.05 -3.77 -4.55
N VAL A 202 -29.89 -3.86 -5.18
CA VAL A 202 -28.77 -2.98 -4.83
C VAL A 202 -29.17 -1.51 -5.00
N ASP A 203 -30.04 -1.24 -5.97
CA ASP A 203 -30.48 0.12 -6.23
C ASP A 203 -31.20 0.80 -5.06
N GLY A 204 -31.89 0.01 -4.23
CA GLY A 204 -32.59 0.60 -3.11
C GLY A 204 -31.83 0.49 -1.80
N TRP A 205 -30.60 -0.02 -1.88
CA TRP A 205 -29.75 -0.21 -0.70
C TRP A 205 -29.45 1.11 0.02
N THR A 206 -29.56 1.09 1.33
CA THR A 206 -29.31 2.27 2.15
C THR A 206 -28.15 2.07 3.11
N GLU A 207 -27.04 2.72 2.79
CA GLU A 207 -25.81 2.65 3.56
C GLU A 207 -25.97 2.91 5.08
N LYS A 208 -26.65 3.99 5.43
CA LYS A 208 -26.84 4.36 6.84
C LYS A 208 -27.22 3.25 7.83
N ASN A 209 -28.03 2.29 7.40
CA ASN A 209 -28.47 1.23 8.29
C ASN A 209 -28.02 -0.18 7.91
N ALA A 210 -27.10 -0.27 6.95
CA ALA A 210 -26.60 -1.56 6.53
C ALA A 210 -25.71 -2.15 7.62
N PRO A 211 -25.59 -3.48 7.67
CA PRO A 211 -24.76 -4.14 8.69
C PRO A 211 -23.28 -4.15 8.30
N TRP A 212 -22.39 -4.29 9.28
CA TRP A 212 -20.97 -4.31 9.01
C TRP A 212 -20.44 -5.71 8.73
N TYR A 213 -19.44 -5.79 7.85
CA TYR A 213 -18.78 -7.06 7.52
C TYR A 213 -17.39 -6.95 8.09
N VAL A 214 -16.80 -8.09 8.44
CA VAL A 214 -15.44 -8.10 8.98
C VAL A 214 -14.66 -9.14 8.19
N ALA A 215 -13.52 -8.75 7.64
CA ALA A 215 -12.69 -9.68 6.90
C ALA A 215 -11.44 -9.88 7.76
N VAL A 216 -11.18 -11.13 8.14
CA VAL A 216 -10.02 -11.49 8.94
C VAL A 216 -9.09 -12.25 8.00
N SER A 217 -7.80 -11.96 8.08
CA SER A 217 -6.82 -12.60 7.19
C SER A 217 -5.98 -13.71 7.80
N GLY A 218 -5.61 -14.65 6.94
CA GLY A 218 -4.80 -15.76 7.37
C GLY A 218 -4.69 -16.82 6.30
N GLY A 219 -5.04 -18.05 6.69
CA GLY A 219 -4.98 -19.17 5.77
C GLY A 219 -5.26 -20.42 6.56
N VAL A 220 -5.12 -21.57 5.90
CA VAL A 220 -5.37 -22.85 6.54
C VAL A 220 -4.20 -23.79 6.27
N HIS A 221 -3.67 -24.40 7.32
CA HIS A 221 -2.54 -25.31 7.16
C HIS A 221 -2.85 -26.41 6.16
N GLY A 222 -1.91 -26.67 5.26
CA GLY A 222 -2.09 -27.71 4.26
C GLY A 222 -3.09 -27.38 3.16
N VAL A 223 -3.81 -26.23 3.20
CA VAL A 223 -4.83 -25.83 2.25
C VAL A 223 -4.41 -24.61 1.44
N GLY A 224 -4.14 -23.44 2.16
CA GLY A 224 -3.79 -22.22 1.48
C GLY A 224 -4.24 -20.95 2.17
N PRO A 225 -3.71 -19.79 1.75
CA PRO A 225 -4.10 -18.52 2.38
C PRO A 225 -5.58 -18.27 2.13
N ALA A 226 -6.20 -17.48 3.00
CA ALA A 226 -7.61 -17.19 2.88
C ALA A 226 -8.05 -15.97 3.69
N GLN A 227 -9.28 -15.55 3.46
CA GLN A 227 -9.87 -14.47 4.19
C GLN A 227 -11.15 -15.00 4.82
N PHE A 228 -11.23 -14.87 6.13
CA PHE A 228 -12.40 -15.32 6.88
C PHE A 228 -13.36 -14.14 6.97
N LEU A 229 -14.58 -14.34 6.47
CA LEU A 229 -15.59 -13.28 6.47
C LEU A 229 -16.66 -13.45 7.54
N TYR A 230 -16.96 -12.35 8.23
CA TYR A 230 -18.00 -12.34 9.27
C TYR A 230 -18.90 -11.14 9.03
N ARG A 231 -20.00 -11.08 9.77
CA ARG A 231 -20.88 -9.93 9.69
C ARG A 231 -21.75 -9.87 10.93
N GLN A 232 -22.17 -8.66 11.28
CA GLN A 232 -23.02 -8.48 12.45
C GLN A 232 -24.10 -9.56 12.37
N ASN A 233 -24.28 -10.28 13.45
CA ASN A 233 -25.23 -11.38 13.45
C ASN A 233 -26.64 -11.06 12.95
N GLY A 234 -27.08 -11.83 11.96
CA GLY A 234 -28.40 -11.64 11.41
C GLY A 234 -28.55 -10.39 10.56
N GLY A 235 -27.44 -9.71 10.29
CA GLY A 235 -27.49 -8.50 9.50
C GLY A 235 -27.97 -7.33 10.34
N ASN A 236 -27.93 -7.52 11.65
CA ASN A 236 -28.38 -6.47 12.57
C ASN A 236 -27.29 -5.41 12.78
N ALA A 237 -27.46 -4.25 12.16
CA ALA A 237 -26.50 -3.15 12.27
C ALA A 237 -26.28 -2.69 13.71
N SER A 238 -27.15 -3.11 14.62
CA SER A 238 -27.03 -2.74 16.02
C SER A 238 -26.33 -3.83 16.82
N GLU A 239 -26.05 -4.96 16.17
CA GLU A 239 -25.41 -6.08 16.84
C GLU A 239 -23.88 -5.95 16.79
N PHE A 240 -23.26 -5.64 17.92
CA PHE A 240 -21.80 -5.53 17.98
C PHE A 240 -21.17 -6.66 18.78
N GLN A 241 -21.99 -7.40 19.51
CA GLN A 241 -21.51 -8.51 20.32
C GLN A 241 -21.28 -9.77 19.51
N TYR A 242 -22.28 -10.19 18.75
CA TYR A 242 -22.17 -11.42 17.97
C TYR A 242 -21.96 -11.24 16.47
N TRP A 243 -20.96 -11.96 15.96
CA TRP A 243 -20.60 -11.88 14.56
C TRP A 243 -20.70 -13.23 13.87
N GLU A 244 -21.70 -13.37 12.99
CA GLU A 244 -21.87 -14.63 12.28
C GLU A 244 -20.79 -14.87 11.25
N TYR A 245 -20.33 -16.11 11.19
CA TYR A 245 -19.29 -16.52 10.27
C TYR A 245 -19.89 -16.85 8.90
N LEU A 246 -19.44 -16.16 7.87
CA LEU A 246 -19.94 -16.39 6.52
C LEU A 246 -19.03 -17.32 5.72
N GLY A 247 -17.94 -17.78 6.34
CA GLY A 247 -17.04 -18.69 5.66
C GLY A 247 -15.80 -18.06 5.05
N GLU A 248 -15.03 -18.86 4.32
CA GLU A 248 -13.83 -18.39 3.67
C GLU A 248 -14.23 -17.85 2.30
N TRP A 249 -14.67 -16.61 2.28
CA TRP A 249 -15.15 -15.99 1.06
C TRP A 249 -14.08 -15.87 -0.04
N TRP A 250 -12.82 -16.07 0.32
CA TRP A 250 -11.73 -16.02 -0.64
C TRP A 250 -10.53 -16.86 -0.17
N GLN A 251 -10.21 -17.90 -0.93
CA GLN A 251 -9.09 -18.76 -0.61
C GLN A 251 -8.37 -19.16 -1.88
N GLU A 252 -7.09 -19.48 -1.76
CA GLU A 252 -6.28 -19.90 -2.90
C GLU A 252 -5.41 -21.06 -2.42
N ALA A 253 -5.04 -21.94 -3.34
CA ALA A 253 -4.19 -23.08 -2.98
C ALA A 253 -2.83 -22.57 -2.52
N THR A 254 -2.23 -23.28 -1.58
CA THR A 254 -0.93 -22.89 -1.05
C THR A 254 0.04 -22.47 -2.16
N ASN A 255 0.72 -21.39 -2.01
CA ASN A 255 1.70 -20.82 -2.93
C ASN A 255 1.35 -20.84 -4.43
N SER A 256 0.10 -20.77 -4.65
CA SER A 256 -0.29 -20.70 -6.06
C SER A 256 -0.11 -19.22 -6.40
N SER A 257 -0.52 -18.81 -7.60
CA SER A 257 -0.37 -17.41 -7.99
C SER A 257 -1.34 -17.02 -9.10
N TRP A 258 -1.50 -15.72 -9.28
CA TRP A 258 -2.37 -15.21 -10.33
C TRP A 258 -1.62 -15.34 -11.65
N GLY A 259 -2.26 -15.94 -12.64
CA GLY A 259 -1.59 -16.11 -13.91
C GLY A 259 -0.79 -17.40 -13.90
N ASP A 260 -0.51 -17.92 -15.09
CA ASP A 260 0.21 -19.17 -15.22
C ASP A 260 1.66 -19.12 -14.73
N GLU A 261 2.29 -17.95 -14.77
CA GLU A 261 3.68 -17.85 -14.33
C GLU A 261 3.97 -16.82 -13.24
N GLY A 262 2.92 -16.34 -12.56
CA GLY A 262 3.10 -15.37 -11.50
C GLY A 262 3.90 -14.17 -11.95
N THR A 263 3.48 -13.58 -13.07
CA THR A 263 4.17 -12.46 -13.66
C THR A 263 3.68 -11.07 -13.26
N TRP A 264 2.36 -10.90 -13.16
CA TRP A 264 1.78 -9.60 -12.82
C TRP A 264 1.28 -9.40 -11.41
N ALA A 265 1.15 -10.47 -10.64
CA ALA A 265 0.63 -10.38 -9.28
C ALA A 265 1.34 -11.31 -8.32
N GLY A 266 2.67 -11.39 -8.43
CA GLY A 266 3.43 -12.20 -7.50
C GLY A 266 2.74 -13.53 -7.24
N ARG A 267 2.75 -13.97 -5.97
CA ARG A 267 2.13 -15.23 -5.59
C ARG A 267 1.21 -15.03 -4.40
N TRP A 268 0.19 -15.88 -4.30
CA TRP A 268 -0.75 -15.83 -3.19
C TRP A 268 -0.04 -16.28 -1.91
N GLY A 269 1.11 -16.91 -2.09
CA GLY A 269 1.91 -17.36 -0.96
C GLY A 269 1.29 -18.37 -0.01
N PHE A 270 1.80 -18.37 1.22
CA PHE A 270 1.34 -19.30 2.23
C PHE A 270 0.35 -18.70 3.24
N ASN A 271 0.26 -17.37 3.29
CA ASN A 271 -0.61 -16.70 4.26
C ASN A 271 -1.01 -15.29 3.76
N PHE A 272 -2.28 -14.93 3.98
CA PHE A 272 -2.80 -13.61 3.61
C PHE A 272 -2.72 -12.72 4.85
N GLU A 273 -2.33 -11.48 4.66
CA GLU A 273 -2.23 -10.55 5.76
C GLU A 273 -2.90 -9.22 5.43
N THR A 274 -3.57 -8.66 6.45
CA THR A 274 -4.18 -7.34 6.34
C THR A 274 -5.11 -7.11 5.15
N GLY A 275 -6.20 -7.87 5.07
CA GLY A 275 -7.11 -7.73 3.95
C GLY A 275 -8.00 -6.48 4.01
N ASN A 276 -7.87 -5.60 3.02
CA ASN A 276 -8.73 -4.41 2.96
C ASN A 276 -9.76 -4.71 1.87
N VAL A 277 -11.04 -4.43 2.12
CA VAL A 277 -12.08 -4.68 1.12
C VAL A 277 -12.62 -3.32 0.68
N LEU A 278 -12.49 -3.03 -0.61
CA LEU A 278 -12.89 -1.75 -1.19
C LEU A 278 -13.99 -1.90 -2.24
N PHE A 279 -14.65 -0.79 -2.57
CA PHE A 279 -15.70 -0.76 -3.58
C PHE A 279 -15.41 0.49 -4.39
N LEU A 280 -14.75 0.29 -5.52
CA LEU A 280 -14.32 1.39 -6.38
C LEU A 280 -15.11 1.66 -7.66
N THR A 281 -15.20 2.94 -8.01
CA THR A 281 -15.80 3.36 -9.26
C THR A 281 -14.70 4.01 -10.09
N GLU A 282 -15.07 4.87 -11.02
CA GLU A 282 -14.06 5.60 -11.77
C GLU A 282 -13.74 6.96 -11.15
N GLU A 283 -14.40 7.28 -10.03
CA GLU A 283 -14.17 8.55 -9.35
C GLU A 283 -13.72 8.39 -7.91
N GLY A 284 -14.03 7.25 -7.30
CA GLY A 284 -13.64 7.04 -5.93
C GLY A 284 -14.23 5.79 -5.30
N HIS A 285 -14.76 5.94 -4.09
CA HIS A 285 -15.33 4.81 -3.34
C HIS A 285 -16.85 4.87 -3.19
N ASP A 286 -17.52 3.75 -3.48
CA ASP A 286 -18.97 3.64 -3.38
C ASP A 286 -19.37 2.19 -3.03
N PRO A 287 -19.89 1.97 -1.82
CA PRO A 287 -20.30 0.61 -1.40
C PRO A 287 -21.57 0.09 -2.09
N GLN A 288 -22.13 0.91 -2.97
CA GLN A 288 -23.34 0.51 -3.67
C GLN A 288 -23.11 0.30 -5.16
N THR A 289 -22.33 1.18 -5.78
CA THR A 289 -22.07 1.06 -7.21
C THR A 289 -20.63 0.68 -7.56
N GLY A 290 -19.77 0.57 -6.55
CA GLY A 290 -18.38 0.25 -6.82
C GLY A 290 -18.06 -1.22 -7.03
N GLU A 291 -17.01 -1.49 -7.80
CA GLU A 291 -16.59 -2.87 -8.05
C GLU A 291 -15.75 -3.34 -6.87
N VAL A 292 -15.89 -4.61 -6.49
CA VAL A 292 -15.15 -5.14 -5.36
C VAL A 292 -13.66 -5.23 -5.63
N PHE A 293 -12.89 -4.62 -4.75
CA PHE A 293 -11.44 -4.63 -4.82
C PHE A 293 -10.93 -5.05 -3.44
N VAL A 294 -9.85 -5.81 -3.42
CA VAL A 294 -9.26 -6.26 -2.17
C VAL A 294 -7.76 -6.01 -2.25
N THR A 295 -7.20 -5.41 -1.21
CA THR A 295 -5.74 -5.19 -1.20
C THR A 295 -5.28 -6.10 -0.07
N LEU A 296 -4.09 -6.66 -0.18
CA LEU A 296 -3.60 -7.55 0.85
C LEU A 296 -2.13 -7.84 0.68
N GLY A 297 -1.50 -8.24 1.78
CA GLY A 297 -0.11 -8.64 1.70
C GLY A 297 -0.12 -10.17 1.72
N THR A 298 0.82 -10.80 1.03
CA THR A 298 0.91 -12.25 1.05
C THR A 298 2.32 -12.58 1.51
N GLU A 299 2.45 -13.58 2.37
CA GLU A 299 3.75 -14.00 2.89
C GLU A 299 4.22 -15.18 2.06
N GLY A 300 5.40 -15.05 1.45
CA GLY A 300 5.92 -16.11 0.63
C GLY A 300 7.29 -16.61 1.05
N SER A 301 7.78 -17.61 0.33
CA SER A 301 9.08 -18.20 0.62
C SER A 301 9.57 -19.07 -0.53
N GLY A 302 10.88 -19.19 -0.62
CA GLY A 302 11.45 -20.06 -1.65
C GLY A 302 11.56 -21.40 -0.96
N LEU A 303 11.88 -22.45 -1.71
CA LEU A 303 12.05 -23.77 -1.12
C LEU A 303 13.54 -24.07 -1.15
N PRO A 304 14.08 -24.69 -0.09
CA PRO A 304 13.40 -25.14 1.13
C PRO A 304 12.94 -23.99 2.03
N ILE A 305 11.85 -24.23 2.74
CA ILE A 305 11.28 -23.25 3.64
C ILE A 305 12.12 -23.19 4.92
N VAL A 306 12.26 -21.99 5.46
CA VAL A 306 12.99 -21.80 6.70
C VAL A 306 11.94 -21.34 7.70
N PRO A 307 11.45 -22.26 8.54
CA PRO A 307 10.43 -21.93 9.55
C PRO A 307 10.65 -20.59 10.27
N GLN A 308 9.56 -19.84 10.38
CA GLN A 308 9.53 -18.53 11.01
C GLN A 308 10.22 -17.44 10.19
N VAL A 309 10.39 -17.72 8.90
CA VAL A 309 10.98 -16.75 7.99
C VAL A 309 10.13 -16.57 6.73
N SER A 310 9.57 -15.39 6.55
CA SER A 310 8.78 -15.07 5.36
C SER A 310 9.75 -14.30 4.49
N SER A 311 10.32 -14.98 3.50
CA SER A 311 11.30 -14.36 2.64
C SER A 311 10.74 -13.35 1.65
N ILE A 312 9.44 -13.48 1.35
CA ILE A 312 8.78 -12.58 0.40
C ILE A 312 7.53 -11.92 0.98
N HIS A 313 7.46 -10.61 0.88
CA HIS A 313 6.30 -9.84 1.35
C HIS A 313 5.74 -9.02 0.18
N ASP A 314 4.72 -9.56 -0.49
CA ASP A 314 4.10 -8.89 -1.63
C ASP A 314 2.88 -8.05 -1.22
N MET A 315 2.85 -6.80 -1.68
CA MET A 315 1.73 -5.90 -1.40
C MET A 315 0.84 -5.95 -2.63
N LEU A 316 -0.12 -6.88 -2.63
CA LEU A 316 -1.03 -7.08 -3.77
C LEU A 316 -2.41 -6.46 -3.68
N TRP A 317 -3.10 -6.50 -4.81
CA TRP A 317 -4.47 -6.03 -4.93
C TRP A 317 -5.14 -6.96 -5.94
N ALA A 318 -6.45 -7.06 -5.86
CA ALA A 318 -7.20 -7.89 -6.78
C ALA A 318 -8.58 -7.28 -6.92
N ALA A 319 -9.21 -7.49 -8.08
CA ALA A 319 -10.55 -6.97 -8.31
C ALA A 319 -11.32 -8.15 -8.88
N GLY A 320 -12.65 -8.14 -8.72
CA GLY A 320 -13.43 -9.25 -9.24
C GLY A 320 -14.89 -9.10 -8.90
N GLU A 321 -15.60 -10.21 -8.79
CA GLU A 321 -17.02 -10.17 -8.46
C GLU A 321 -17.36 -11.06 -7.28
N VAL A 322 -18.46 -10.74 -6.62
CA VAL A 322 -18.90 -11.52 -5.47
C VAL A 322 -20.23 -12.18 -5.83
N GLY A 323 -20.30 -13.49 -5.68
CA GLY A 323 -21.52 -14.22 -5.97
C GLY A 323 -21.92 -15.08 -4.79
N VAL A 324 -23.04 -15.78 -4.89
CA VAL A 324 -23.49 -16.63 -3.79
C VAL A 324 -22.61 -17.87 -3.72
N GLY A 325 -22.56 -18.61 -2.65
CA GLY A 325 -21.79 -19.85 -2.67
C GLY A 325 -22.30 -21.08 -3.45
N SER A 326 -22.33 -20.77 -4.83
CA SER A 326 -22.50 -22.04 -5.55
C SER A 326 -23.59 -22.98 -5.03
N GLU A 327 -23.25 -24.26 -4.92
CA GLU A 327 -24.11 -25.25 -4.31
C GLU A 327 -23.36 -26.08 -3.24
N GLN A 328 -22.15 -25.67 -2.86
CA GLN A 328 -21.43 -26.42 -1.84
C GLN A 328 -21.81 -25.95 -0.44
N GLU A 329 -21.34 -26.67 0.57
CA GLU A 329 -21.64 -26.32 1.95
C GLU A 329 -20.58 -25.39 2.51
N GLY A 330 -19.87 -24.70 1.61
CA GLY A 330 -18.82 -23.78 2.04
C GLY A 330 -19.29 -22.36 2.29
N ALA A 331 -18.47 -21.40 1.91
CA ALA A 331 -18.78 -19.98 2.09
C ALA A 331 -20.14 -19.61 1.53
N LYS A 332 -20.82 -18.67 2.18
CA LYS A 332 -22.13 -18.23 1.73
C LYS A 332 -21.99 -17.27 0.55
N VAL A 333 -20.89 -16.53 0.53
CA VAL A 333 -20.61 -15.60 -0.55
C VAL A 333 -19.15 -15.82 -0.90
N GLU A 334 -18.80 -15.59 -2.15
CA GLU A 334 -17.43 -15.80 -2.59
C GLU A 334 -16.91 -14.69 -3.49
N PHE A 335 -15.63 -14.37 -3.33
CA PHE A 335 -14.96 -13.34 -4.11
C PHE A 335 -14.15 -14.04 -5.19
N SER A 336 -14.38 -13.68 -6.44
CA SER A 336 -13.64 -14.30 -7.54
C SER A 336 -12.83 -13.25 -8.29
N PRO A 337 -11.50 -13.33 -8.18
CA PRO A 337 -10.64 -12.37 -8.87
C PRO A 337 -10.80 -12.44 -10.38
N SER A 338 -10.78 -11.28 -11.04
CA SER A 338 -10.87 -11.19 -12.49
C SER A 338 -9.52 -10.64 -12.95
N MET A 339 -8.87 -9.90 -12.06
CA MET A 339 -7.57 -9.32 -12.33
C MET A 339 -6.86 -9.00 -11.00
N ALA A 340 -5.54 -9.01 -11.01
CA ALA A 340 -4.76 -8.73 -9.82
C ALA A 340 -3.43 -8.09 -10.17
N GLY A 341 -2.82 -7.40 -9.20
CA GLY A 341 -1.55 -6.74 -9.43
C GLY A 341 -0.87 -6.36 -8.12
N PHE A 342 0.01 -5.38 -8.17
CA PHE A 342 0.74 -4.90 -6.99
C PHE A 342 0.31 -3.48 -6.66
N LEU A 343 0.04 -3.21 -5.37
CA LEU A 343 -0.32 -1.86 -4.95
C LEU A 343 1.00 -1.09 -4.93
N ASP A 344 2.07 -1.80 -4.60
CA ASP A 344 3.43 -1.23 -4.61
C ASP A 344 4.40 -2.39 -4.84
N TRP A 345 5.26 -2.22 -5.83
CA TRP A 345 6.23 -3.26 -6.16
C TRP A 345 7.48 -3.27 -5.29
N GLY A 346 7.55 -2.37 -4.31
CA GLY A 346 8.72 -2.31 -3.44
C GLY A 346 8.88 -3.53 -2.56
N PHE A 347 10.11 -4.02 -2.47
CA PHE A 347 10.42 -5.18 -1.64
C PHE A 347 9.94 -4.92 -0.22
N SER A 348 10.29 -3.73 0.29
CA SER A 348 9.97 -3.31 1.64
C SER A 348 8.60 -2.67 1.83
N ALA A 349 7.78 -2.66 0.78
CA ALA A 349 6.44 -2.08 0.86
C ALA A 349 5.48 -3.18 1.22
N TYR A 350 4.58 -2.92 2.17
CA TYR A 350 3.67 -3.97 2.61
C TYR A 350 2.58 -3.44 3.55
N ALA A 351 1.50 -4.18 3.90
CA ALA A 351 0.46 -3.86 4.86
C ALA A 351 -0.24 -2.53 4.60
N ALA A 352 -0.58 -2.44 3.41
CA ALA A 352 -1.38 -1.25 3.15
C ALA A 352 -2.69 -1.25 3.99
N ALA A 353 -3.00 -0.25 4.78
CA ALA A 353 -4.21 -0.08 5.58
C ALA A 353 -4.87 1.22 5.09
N GLY A 354 -6.09 1.09 4.60
CA GLY A 354 -6.82 2.24 4.08
C GLY A 354 -8.18 2.43 4.74
N LYS A 355 -8.90 3.42 4.26
CA LYS A 355 -10.21 3.73 4.80
C LYS A 355 -10.96 4.65 3.85
N VAL A 356 -12.28 4.60 3.94
CA VAL A 356 -13.10 5.47 3.12
C VAL A 356 -12.95 6.88 3.70
N LEU A 357 -12.78 7.88 2.85
CA LEU A 357 -12.68 9.25 3.30
C LEU A 357 -13.89 9.94 2.68
N PRO A 358 -14.97 10.07 3.46
CA PRO A 358 -16.22 10.70 3.02
C PRO A 358 -16.05 12.12 2.50
N ALA A 359 -16.87 12.49 1.53
CA ALA A 359 -16.83 13.84 0.97
C ALA A 359 -17.26 14.80 2.08
N SER A 360 -17.93 14.26 3.10
CA SER A 360 -18.40 15.06 4.22
C SER A 360 -17.31 15.27 5.27
N SER A 361 -16.13 14.70 5.02
CA SER A 361 -15.02 14.83 5.95
C SER A 361 -14.51 16.26 5.91
N ALA A 362 -13.89 16.70 7.01
CA ALA A 362 -13.36 18.04 7.10
C ALA A 362 -12.31 18.20 6.00
N VAL A 363 -11.58 17.11 5.73
CA VAL A 363 -10.55 17.14 4.72
C VAL A 363 -11.15 17.48 3.35
N SER A 364 -12.12 16.68 2.92
CA SER A 364 -12.75 16.89 1.62
C SER A 364 -13.51 18.22 1.49
N LYS A 365 -14.06 18.71 2.59
CA LYS A 365 -14.78 19.98 2.59
C LYS A 365 -13.82 21.11 2.27
N THR A 366 -12.67 21.11 2.94
CA THR A 366 -11.65 22.12 2.73
C THR A 366 -11.11 22.08 1.31
N SER A 367 -10.75 20.89 0.83
CA SER A 367 -10.20 20.77 -0.51
C SER A 367 -11.27 20.82 -1.58
N GLY A 368 -12.53 20.73 -1.16
CA GLY A 368 -13.62 20.80 -2.12
C GLY A 368 -13.88 19.55 -2.93
N VAL A 369 -13.62 18.38 -2.35
CA VAL A 369 -13.85 17.12 -3.06
C VAL A 369 -15.31 16.72 -2.88
N GLU A 370 -16.03 16.53 -3.99
CA GLU A 370 -17.45 16.20 -3.95
C GLU A 370 -17.81 14.72 -3.89
N VAL A 371 -16.81 13.84 -3.91
CA VAL A 371 -17.09 12.41 -3.87
C VAL A 371 -16.40 11.71 -2.71
N ASP A 372 -16.83 10.49 -2.41
CA ASP A 372 -16.22 9.69 -1.36
C ASP A 372 -14.98 9.05 -1.97
N ARG A 373 -13.88 9.07 -1.23
CA ARG A 373 -12.63 8.51 -1.71
C ARG A 373 -12.19 7.34 -0.82
N TYR A 374 -11.20 6.60 -1.30
CA TYR A 374 -10.64 5.51 -0.51
C TYR A 374 -9.16 5.78 -0.45
N VAL A 375 -8.66 6.21 0.71
CA VAL A 375 -7.25 6.53 0.87
C VAL A 375 -6.52 5.36 1.54
N SER A 376 -5.43 4.90 0.90
CA SER A 376 -4.63 3.79 1.40
C SER A 376 -3.23 4.24 1.83
N PHE A 377 -2.78 3.73 2.98
CA PHE A 377 -1.44 4.03 3.52
C PHE A 377 -0.60 2.76 3.53
N VAL A 378 0.50 2.75 2.78
CA VAL A 378 1.37 1.59 2.69
C VAL A 378 2.57 1.69 3.64
N TRP A 379 2.93 0.56 4.26
CA TRP A 379 4.05 0.51 5.18
C TRP A 379 5.35 0.29 4.40
N LEU A 380 6.39 1.00 4.79
CA LEU A 380 7.70 0.82 4.19
C LEU A 380 8.59 0.41 5.34
N THR A 381 8.73 -0.90 5.57
CA THR A 381 9.56 -1.38 6.68
C THR A 381 10.96 -0.78 6.62
N GLY A 382 11.49 -0.43 7.79
CA GLY A 382 12.81 0.19 7.84
C GLY A 382 13.98 -0.78 7.79
N ASP A 383 13.68 -2.01 8.14
CA ASP A 383 14.78 -2.96 8.18
C ASP A 383 14.47 -4.27 7.47
N GLN A 384 13.77 -4.25 6.45
CA GLN A 384 13.42 -5.45 5.72
C GLN A 384 12.68 -6.44 6.62
N TYR A 385 11.64 -6.06 7.23
CA TYR A 385 10.83 -6.89 8.12
C TYR A 385 11.67 -7.60 9.18
N GLU A 386 12.79 -6.83 9.68
CA GLU A 386 13.67 -7.36 10.71
C GLU A 386 14.58 -8.49 10.29
N GLN A 387 14.92 -8.53 9.00
CA GLN A 387 15.82 -9.55 8.49
C GLN A 387 17.10 -8.88 8.01
N ALA A 388 17.19 -7.56 8.23
CA ALA A 388 18.37 -6.81 7.80
C ALA A 388 19.63 -7.37 8.48
N ASP A 389 20.75 -7.27 7.78
CA ASP A 389 22.01 -7.77 8.30
C ASP A 389 22.74 -6.69 9.12
N GLY A 390 22.23 -6.43 10.32
CA GLY A 390 22.83 -5.44 11.20
C GLY A 390 22.66 -3.97 10.86
N PHE A 391 21.44 -3.54 10.56
CA PHE A 391 21.21 -2.13 10.25
C PHE A 391 21.52 -1.33 11.54
N PRO A 392 22.11 -0.12 11.39
CA PRO A 392 22.44 0.74 12.54
C PRO A 392 21.22 1.37 13.20
N THR A 393 20.33 0.53 13.74
CA THR A 393 19.09 0.98 14.38
C THR A 393 19.28 1.90 15.58
N ALA A 394 20.15 1.52 16.50
CA ALA A 394 20.39 2.34 17.67
C ALA A 394 20.92 3.71 17.27
N GLN A 395 21.74 3.73 16.22
CA GLN A 395 22.33 4.97 15.71
C GLN A 395 21.31 5.88 15.05
N GLN A 396 20.31 5.30 14.38
CA GLN A 396 19.31 6.10 13.72
C GLN A 396 18.25 6.59 14.69
N GLY A 397 17.92 5.77 15.70
CA GLY A 397 16.93 6.18 16.68
C GLY A 397 15.48 6.06 16.23
N TRP A 398 15.27 5.40 15.09
CA TRP A 398 13.92 5.20 14.56
C TRP A 398 13.96 4.14 13.48
N THR A 399 12.80 3.64 13.10
CA THR A 399 12.73 2.58 12.10
C THR A 399 11.40 2.59 11.35
N GLY A 400 11.49 2.61 10.02
CA GLY A 400 10.29 2.58 9.21
C GLY A 400 9.55 3.89 8.98
N SER A 401 8.61 3.85 8.04
CA SER A 401 7.80 5.00 7.70
C SER A 401 6.63 4.50 6.87
N LEU A 402 5.58 5.32 6.80
CA LEU A 402 4.44 4.99 5.96
C LEU A 402 4.74 5.69 4.64
N LEU A 403 4.15 5.24 3.55
CA LEU A 403 4.36 5.90 2.28
C LEU A 403 3.30 7.00 2.18
N LEU A 404 3.38 7.85 1.16
CA LEU A 404 2.40 8.92 0.96
C LEU A 404 0.99 8.36 0.79
N PRO A 405 -0.02 9.00 1.42
CA PRO A 405 -1.42 8.55 1.33
C PRO A 405 -1.79 8.45 -0.15
N ARG A 406 -2.44 7.36 -0.55
CA ARG A 406 -2.79 7.20 -1.95
C ARG A 406 -4.28 6.99 -2.21
N GLU A 407 -4.79 7.68 -3.22
CA GLU A 407 -6.19 7.52 -3.60
C GLU A 407 -6.27 6.31 -4.51
N LEU A 408 -7.27 5.47 -4.27
CA LEU A 408 -7.47 4.27 -5.07
C LEU A 408 -8.84 4.31 -5.73
N LYS A 409 -8.88 4.07 -7.04
CA LYS A 409 -10.14 4.09 -7.78
C LYS A 409 -9.98 3.20 -9.00
N VAL A 410 -11.00 3.13 -9.83
CA VAL A 410 -10.90 2.35 -11.05
C VAL A 410 -10.35 3.33 -12.08
N GLN A 411 -9.22 2.95 -12.68
CA GLN A 411 -8.59 3.79 -13.69
C GLN A 411 -8.83 3.15 -15.05
N THR A 412 -9.18 3.96 -16.04
CA THR A 412 -9.40 3.43 -17.39
C THR A 412 -8.26 3.89 -18.28
N VAL A 413 -7.96 3.06 -19.27
CA VAL A 413 -6.92 3.36 -20.26
C VAL A 413 -7.66 3.29 -21.59
N GLU A 414 -7.89 4.46 -22.19
CA GLU A 414 -8.61 4.53 -23.45
C GLU A 414 -7.74 4.44 -24.69
N ASN A 415 -8.39 4.16 -25.82
CA ASN A 415 -7.72 4.10 -27.11
C ASN A 415 -6.56 3.11 -27.19
N VAL A 416 -6.75 1.95 -26.59
CA VAL A 416 -5.71 0.91 -26.61
C VAL A 416 -5.93 -0.06 -27.78
N VAL A 417 -4.90 -0.25 -28.58
CA VAL A 417 -4.98 -1.16 -29.71
C VAL A 417 -5.19 -2.56 -29.15
N ASP A 418 -6.35 -3.16 -29.45
CA ASP A 418 -6.62 -4.49 -28.92
C ASP A 418 -5.71 -5.56 -29.54
N ASN A 419 -4.48 -5.69 -29.04
CA ASN A 419 -3.61 -6.74 -29.56
C ASN A 419 -3.08 -7.62 -28.43
N GLU A 420 -2.25 -8.48 -28.77
CA GLU A 420 -1.65 -9.40 -27.81
C GLU A 420 -1.27 -8.78 -26.48
N LEU A 421 -0.79 -7.54 -26.51
CA LEU A 421 -0.38 -6.84 -25.29
C LEU A 421 -1.55 -6.66 -24.32
N VAL A 422 -2.76 -6.67 -24.87
CA VAL A 422 -3.97 -6.49 -24.08
C VAL A 422 -4.67 -7.81 -23.75
N ARG A 423 -4.50 -8.81 -24.61
CA ARG A 423 -5.18 -10.10 -24.42
C ARG A 423 -4.41 -11.16 -23.63
N GLU A 424 -3.20 -10.84 -23.20
CA GLU A 424 -2.38 -11.78 -22.43
C GLU A 424 -3.17 -12.31 -21.22
N GLU A 425 -2.81 -13.51 -20.78
CA GLU A 425 -3.47 -14.14 -19.65
C GLU A 425 -2.91 -13.78 -18.28
N GLY A 426 -3.80 -13.70 -17.30
CA GLY A 426 -3.41 -13.38 -15.94
C GLY A 426 -2.72 -12.04 -15.77
N VAL A 427 -3.39 -10.98 -16.21
CA VAL A 427 -2.84 -9.63 -16.12
C VAL A 427 -3.53 -8.79 -15.05
N SER A 428 -3.10 -7.52 -14.94
CA SER A 428 -3.63 -6.59 -13.96
C SER A 428 -4.68 -5.65 -14.55
N TRP A 429 -5.32 -6.08 -15.62
CA TRP A 429 -6.34 -5.25 -16.25
C TRP A 429 -7.36 -6.09 -17.01
N VAL A 430 -8.56 -5.52 -17.18
CA VAL A 430 -9.62 -6.16 -17.90
C VAL A 430 -10.06 -5.18 -18.98
N VAL A 431 -10.61 -5.71 -20.07
CA VAL A 431 -11.09 -4.85 -21.15
C VAL A 431 -12.50 -4.40 -20.82
N GLY A 432 -12.73 -3.09 -20.84
CA GLY A 432 -14.05 -2.56 -20.56
C GLY A 432 -14.96 -2.59 -21.77
N GLU A 433 -14.36 -2.48 -22.95
CA GLU A 433 -15.10 -2.47 -24.21
C GLU A 433 -14.10 -2.58 -25.36
N SER A 434 -14.58 -3.02 -26.53
CA SER A 434 -13.70 -3.16 -27.69
C SER A 434 -14.42 -3.57 -28.98
N ASP A 435 -13.82 -3.24 -30.11
CA ASP A 435 -14.37 -3.61 -31.42
C ASP A 435 -13.30 -4.39 -32.14
N ASN A 436 -12.38 -4.97 -31.35
CA ASN A 436 -11.27 -5.75 -31.86
C ASN A 436 -10.22 -4.84 -32.49
N GLN A 437 -10.63 -3.47 -32.61
CA GLN A 437 -9.71 -2.48 -33.16
C GLN A 437 -9.10 -1.65 -32.03
N THR A 438 -9.78 -1.03 -31.13
CA THR A 438 -9.32 -0.22 -29.99
C THR A 438 -10.26 -0.52 -28.83
N ALA A 439 -9.70 -0.55 -27.62
CA ALA A 439 -10.50 -0.85 -26.45
C ALA A 439 -10.15 -0.01 -25.23
N THR A 440 -11.06 0.02 -24.28
CA THR A 440 -10.87 0.76 -23.03
C THR A 440 -10.52 -0.31 -21.98
N LEU A 441 -9.44 -0.08 -21.25
CA LEU A 441 -9.01 -1.01 -20.21
C LEU A 441 -9.43 -0.51 -18.84
N ARG A 442 -9.52 -1.44 -17.89
CA ARG A 442 -9.90 -1.09 -16.53
C ARG A 442 -8.90 -1.73 -15.58
N THR A 443 -8.33 -0.93 -14.69
CA THR A 443 -7.35 -1.42 -13.75
C THR A 443 -7.42 -0.60 -12.47
N LEU A 444 -6.59 -0.92 -11.49
CA LEU A 444 -6.58 -0.17 -10.25
C LEU A 444 -5.86 1.17 -10.46
N GLY A 445 -6.52 2.25 -10.12
CA GLY A 445 -5.91 3.57 -10.24
C GLY A 445 -5.16 3.89 -8.96
N ILE A 446 -3.93 4.35 -9.07
CA ILE A 446 -3.11 4.67 -7.89
C ILE A 446 -2.48 6.04 -8.04
N THR A 447 -2.91 7.00 -7.23
CA THR A 447 -2.33 8.33 -7.29
C THR A 447 -2.11 8.87 -5.89
N ILE A 448 -1.18 9.80 -5.77
CA ILE A 448 -0.90 10.43 -4.48
C ILE A 448 -2.17 11.17 -4.07
N ALA A 449 -2.56 11.10 -2.80
CA ALA A 449 -3.76 11.81 -2.35
C ALA A 449 -3.59 13.26 -2.85
N ARG A 450 -4.61 13.77 -3.52
CA ARG A 450 -4.54 15.12 -4.10
C ARG A 450 -4.09 16.27 -3.21
N GLU A 451 -4.51 16.27 -1.95
CA GLU A 451 -4.10 17.34 -1.05
C GLU A 451 -2.63 17.19 -0.68
N THR A 452 -2.18 15.95 -0.58
CA THR A 452 -0.79 15.68 -0.26
C THR A 452 0.08 16.12 -1.42
N LYS A 453 -0.33 15.76 -2.64
CA LYS A 453 0.43 16.14 -3.81
C LYS A 453 0.48 17.68 -3.90
N ALA A 454 -0.65 18.32 -3.58
CA ALA A 454 -0.70 19.79 -3.62
C ALA A 454 0.29 20.38 -2.63
N ALA A 455 0.32 19.82 -1.42
CA ALA A 455 1.23 20.31 -0.39
C ALA A 455 2.69 20.05 -0.76
N LEU A 456 2.96 18.97 -1.49
CA LEU A 456 4.33 18.68 -1.89
C LEU A 456 4.87 19.73 -2.88
N LEU A 457 3.95 20.37 -3.62
CA LEU A 457 4.30 21.42 -4.62
C LEU A 457 3.57 22.80 -4.52
N ALA A 458 3.44 23.24 -3.27
CA ALA A 458 2.81 24.51 -2.93
C ALA A 458 3.87 25.56 -2.69
N ASN A 459 4.96 25.18 -2.02
CA ASN A 459 6.03 26.17 -1.87
C ASN A 459 7.36 25.72 -2.46
N GLY A 460 7.30 24.74 -3.36
CA GLY A 460 8.52 24.23 -3.96
C GLY A 460 9.08 25.08 -5.09
N SER A 461 10.41 25.07 -5.20
CA SER A 461 11.09 25.82 -6.26
C SER A 461 10.98 24.97 -7.52
N VAL A 462 10.57 25.58 -8.63
CA VAL A 462 10.41 24.85 -9.89
C VAL A 462 11.51 25.11 -10.93
N THR A 463 12.15 24.04 -11.37
CA THR A 463 13.22 24.14 -12.37
C THR A 463 12.97 23.13 -13.48
N ALA A 464 12.64 23.62 -14.67
CA ALA A 464 12.36 22.75 -15.81
C ALA A 464 13.61 22.46 -16.63
N GLU A 465 13.52 21.42 -17.45
CA GLU A 465 14.63 21.02 -18.33
C GLU A 465 14.09 20.96 -19.75
N GLU A 466 14.90 21.43 -20.72
CA GLU A 466 14.51 21.42 -22.13
C GLU A 466 14.19 20.01 -22.61
N ASP A 467 13.19 19.86 -23.47
CA ASP A 467 12.86 18.54 -23.99
C ASP A 467 14.16 18.00 -24.58
N ARG A 468 14.31 16.68 -24.57
CA ARG A 468 15.53 16.08 -25.06
C ARG A 468 15.30 14.70 -25.67
N THR A 469 16.15 14.32 -26.62
CA THR A 469 16.09 13.03 -27.30
C THR A 469 17.46 12.38 -27.21
N LEU A 470 17.50 11.12 -26.78
CA LEU A 470 18.76 10.41 -26.67
C LEU A 470 18.73 9.16 -27.53
N GLN A 471 19.78 8.99 -28.32
CA GLN A 471 19.89 7.85 -29.22
C GLN A 471 21.07 6.99 -28.82
N THR A 472 22.27 7.59 -28.82
CA THR A 472 23.47 6.88 -28.40
C THR A 472 23.48 6.85 -26.86
N ALA A 473 24.29 5.98 -26.28
CA ALA A 473 24.38 5.88 -24.83
C ALA A 473 24.90 7.19 -24.23
N ALA A 474 24.28 7.64 -23.15
CA ALA A 474 24.72 8.87 -22.50
C ALA A 474 24.13 9.10 -21.12
N VAL A 475 24.85 9.90 -20.33
CA VAL A 475 24.43 10.27 -18.99
C VAL A 475 24.58 11.79 -19.00
N VAL A 476 23.46 12.49 -19.15
CA VAL A 476 23.50 13.95 -19.22
C VAL A 476 22.93 14.63 -17.98
N PRO A 477 23.79 15.39 -17.28
CA PRO A 477 23.38 16.10 -16.06
C PRO A 477 22.39 17.21 -16.39
N PHE A 478 21.42 17.41 -15.51
CA PHE A 478 20.42 18.46 -15.71
C PHE A 478 21.15 19.80 -15.78
N ALA A 479 20.49 20.83 -16.31
CA ALA A 479 21.10 22.15 -16.41
C ALA A 479 21.35 22.66 -14.99
N GLN A 480 20.46 22.33 -14.09
CA GLN A 480 20.57 22.73 -12.69
C GLN A 480 19.95 21.62 -11.85
N SER A 481 20.71 21.07 -10.91
CA SER A 481 20.16 20.02 -10.05
C SER A 481 19.74 20.62 -8.71
N PRO A 482 18.90 19.90 -7.95
CA PRO A 482 18.50 20.48 -6.66
C PRO A 482 19.71 20.41 -5.73
N SER A 483 19.70 21.17 -4.65
CA SER A 483 20.82 21.16 -3.72
C SER A 483 20.43 20.47 -2.42
N SER A 484 19.29 19.78 -2.43
CA SER A 484 18.84 19.05 -1.26
C SER A 484 18.26 17.73 -1.74
N LYS A 485 17.93 16.94 -0.82
CA LYS A 485 17.36 15.64 -1.16
C LYS A 485 15.85 15.62 -0.91
N PHE A 486 15.18 16.75 -1.07
CA PHE A 486 13.73 16.87 -0.87
C PHE A 486 13.13 17.47 -2.14
N PHE A 487 12.63 16.51 -3.09
CA PHE A 487 12.08 17.03 -4.34
C PHE A 487 11.13 16.09 -5.06
N VAL A 488 10.45 16.62 -6.07
CA VAL A 488 9.52 15.87 -6.89
C VAL A 488 9.98 16.01 -8.33
N LEU A 489 10.28 14.88 -8.95
CA LEU A 489 10.71 14.87 -10.34
C LEU A 489 9.61 14.28 -11.19
N THR A 490 9.23 15.01 -12.24
CA THR A 490 8.21 14.55 -13.17
C THR A 490 8.81 14.56 -14.57
N ALA A 491 8.37 13.63 -15.40
CA ALA A 491 8.88 13.54 -16.77
C ALA A 491 8.04 12.60 -17.60
N GLN A 492 8.13 12.79 -18.92
CA GLN A 492 7.42 11.92 -19.84
C GLN A 492 8.43 11.36 -20.82
N LEU A 493 8.48 10.04 -20.92
CA LEU A 493 9.39 9.38 -21.83
C LEU A 493 8.59 8.75 -22.94
N GLU A 494 8.93 9.09 -24.18
CA GLU A 494 8.22 8.54 -25.33
C GLU A 494 9.16 7.63 -26.07
N PHE A 495 8.69 6.41 -26.33
CA PHE A 495 9.48 5.40 -27.01
C PHE A 495 8.93 5.02 -28.38
N PRO A 496 9.82 4.60 -29.29
CA PRO A 496 9.34 4.20 -30.62
C PRO A 496 8.90 2.74 -30.54
N ALA A 497 7.91 2.37 -31.33
CA ALA A 497 7.40 0.99 -31.33
C ALA A 497 8.54 -0.01 -31.45
N SER A 498 9.64 0.44 -32.06
CA SER A 498 10.80 -0.42 -32.28
C SER A 498 11.62 -0.72 -31.02
N ALA A 499 11.38 0.02 -29.95
CA ALA A 499 12.12 -0.20 -28.71
C ALA A 499 11.63 -1.41 -27.92
N ARG A 500 10.44 -1.90 -28.22
CA ARG A 500 9.91 -3.06 -27.49
C ARG A 500 10.83 -4.25 -27.50
N SER A 501 11.37 -4.56 -28.67
CA SER A 501 12.27 -5.71 -28.83
C SER A 501 13.71 -5.39 -28.45
N SER A 502 14.02 -4.11 -28.31
CA SER A 502 15.37 -3.70 -27.98
C SER A 502 15.73 -3.88 -26.51
N PRO A 503 17.03 -3.83 -26.22
CA PRO A 503 17.51 -3.97 -24.85
C PRO A 503 17.52 -2.59 -24.18
N LEU A 504 16.61 -1.74 -24.63
CA LEU A 504 16.54 -0.36 -24.16
C LEU A 504 16.36 -0.18 -22.65
N GLN A 505 17.10 0.78 -22.11
CA GLN A 505 17.03 1.16 -20.69
C GLN A 505 17.13 2.69 -20.70
N SER A 506 16.08 3.37 -20.26
CA SER A 506 16.08 4.82 -20.24
C SER A 506 15.41 5.37 -18.99
N GLY A 507 16.03 6.37 -18.38
CA GLY A 507 15.49 6.98 -17.18
C GLY A 507 16.33 8.14 -16.68
N PHE A 508 16.65 8.11 -15.39
CA PHE A 508 17.45 9.16 -14.78
C PHE A 508 18.35 8.60 -13.69
N GLU A 509 19.31 9.40 -13.27
CA GLU A 509 20.18 9.04 -12.18
C GLU A 509 19.87 10.15 -11.20
N ILE A 510 19.60 9.79 -9.94
CA ILE A 510 19.28 10.79 -8.93
C ILE A 510 20.17 10.59 -7.72
N LEU A 511 20.06 11.51 -6.76
CA LEU A 511 20.86 11.45 -5.52
C LEU A 511 22.29 11.12 -5.93
N ALA A 512 22.77 11.84 -6.94
CA ALA A 512 24.10 11.55 -7.47
C ALA A 512 25.21 12.56 -7.34
N SER A 513 26.42 12.10 -7.11
CA SER A 513 27.67 12.86 -6.99
C SER A 513 28.72 11.91 -7.52
N GLU A 514 29.99 12.12 -7.50
CA GLU A 514 31.04 11.25 -8.04
C GLU A 514 31.02 9.85 -7.43
N LEU A 515 30.87 9.78 -6.11
CA LEU A 515 30.89 8.50 -5.42
C LEU A 515 29.55 7.82 -5.22
N GLU A 516 28.45 8.46 -5.59
CA GLU A 516 27.13 7.86 -5.40
C GLU A 516 26.14 8.18 -6.50
N ARG A 517 25.17 7.29 -6.69
CA ARG A 517 24.11 7.48 -7.67
C ARG A 517 23.05 6.41 -7.50
N THR A 518 21.82 6.75 -7.90
CA THR A 518 20.68 5.85 -7.83
C THR A 518 20.03 5.97 -9.20
N ALA A 519 19.90 4.85 -9.90
CA ALA A 519 19.32 4.89 -11.24
C ALA A 519 17.87 4.40 -11.28
N ILE A 520 17.05 5.15 -12.01
CA ILE A 520 15.64 4.81 -12.18
C ILE A 520 15.40 4.80 -13.68
N TYR A 521 15.05 3.64 -14.23
CA TYR A 521 14.82 3.54 -15.67
C TYR A 521 13.79 2.52 -16.10
N TYR A 522 13.26 2.70 -17.30
CA TYR A 522 12.29 1.77 -17.84
C TYR A 522 13.08 0.74 -18.67
N GLN A 523 12.63 -0.50 -18.62
CA GLN A 523 13.30 -1.59 -19.32
C GLN A 523 12.27 -2.39 -20.10
N PHE A 524 12.40 -2.46 -21.43
CA PHE A 524 11.45 -3.20 -22.25
C PHE A 524 11.68 -4.70 -22.20
N SER A 525 12.94 -5.11 -22.05
CA SER A 525 13.31 -6.52 -21.98
C SER A 525 12.35 -7.31 -21.10
N ASN A 526 11.97 -6.63 -19.87
CA ASN A 526 10.95 -7.16 -18.96
C ASN A 526 9.88 -6.11 -18.66
N GLU A 527 9.66 -5.17 -19.56
CA GLU A 527 8.62 -4.17 -19.28
C GLU A 527 8.49 -3.90 -17.77
N SER A 528 9.56 -3.35 -17.21
CA SER A 528 9.73 -2.99 -15.81
C SER A 528 10.37 -1.66 -15.52
N LEU A 529 9.97 -0.98 -14.60
CA LEU A 529 10.57 0.23 -14.09
C LEU A 529 11.49 -0.36 -13.05
N VAL A 530 12.75 0.03 -13.11
CA VAL A 530 13.75 -0.50 -12.22
C VAL A 530 14.48 0.58 -11.43
N VAL A 531 14.78 0.28 -10.18
CA VAL A 531 15.54 1.20 -9.34
C VAL A 531 16.82 0.46 -9.00
N ASP A 532 17.93 0.90 -9.61
CA ASP A 532 19.24 0.30 -9.40
C ASP A 532 19.88 1.01 -8.22
N ARG A 533 20.08 0.28 -7.13
CA ARG A 533 20.65 0.85 -5.91
C ARG A 533 22.07 0.36 -5.64
N SER A 534 22.71 -0.24 -6.64
CA SER A 534 24.05 -0.78 -6.47
C SER A 534 25.09 0.26 -6.08
N GLN A 535 24.88 1.51 -6.49
CA GLN A 535 25.80 2.60 -6.17
C GLN A 535 25.10 3.68 -5.34
N THR A 536 23.93 3.35 -4.78
CA THR A 536 23.19 4.33 -4.01
C THR A 536 23.94 4.90 -2.82
N SER A 537 24.43 4.03 -1.95
CA SER A 537 25.13 4.46 -0.75
C SER A 537 26.60 4.12 -0.64
N ALA A 538 27.43 5.15 -0.50
CA ALA A 538 28.87 4.97 -0.36
C ALA A 538 29.18 4.26 0.96
N ALA A 539 28.18 4.11 1.82
CA ALA A 539 28.38 3.44 3.10
C ALA A 539 27.91 1.99 3.06
N ALA A 540 27.18 1.63 2.02
CA ALA A 540 26.64 0.28 1.87
C ALA A 540 27.68 -0.83 1.74
N PRO A 541 28.79 -0.59 1.03
CA PRO A 541 29.79 -1.65 0.88
C PRO A 541 30.28 -2.29 2.19
N THR A 542 30.49 -1.49 3.22
CA THR A 542 30.95 -2.03 4.51
C THR A 542 29.85 -2.18 5.57
N ASN A 543 28.63 -1.77 5.24
CA ASN A 543 27.51 -1.89 6.18
C ASN A 543 26.37 -2.61 5.44
N PRO A 544 26.41 -3.95 5.45
CA PRO A 544 25.40 -4.78 4.78
C PRO A 544 23.97 -4.53 5.23
N GLY A 545 23.81 -3.85 6.35
CA GLY A 545 22.48 -3.55 6.84
C GLY A 545 21.71 -2.73 5.81
N LEU A 546 22.43 -1.87 5.09
CA LEU A 546 21.87 -1.02 4.06
C LEU A 546 21.72 -1.82 2.76
N ASP A 547 20.55 -2.41 2.56
CA ASP A 547 20.30 -3.20 1.36
C ASP A 547 20.53 -2.38 0.11
N SER A 548 21.13 -3.01 -0.91
CA SER A 548 21.44 -2.35 -2.16
C SER A 548 20.98 -3.17 -3.38
N PHE A 549 20.16 -4.19 -3.14
CA PHE A 549 19.65 -5.00 -4.24
C PHE A 549 18.68 -4.20 -5.10
N THR A 550 18.59 -4.57 -6.37
CA THR A 550 17.76 -3.91 -7.35
C THR A 550 16.26 -4.08 -7.09
N GLU A 551 15.52 -2.99 -7.24
CA GLU A 551 14.06 -3.03 -7.04
C GLU A 551 13.44 -2.82 -8.41
N SER A 552 12.30 -3.46 -8.66
CA SER A 552 11.63 -3.32 -9.96
C SER A 552 10.16 -3.72 -9.93
N GLY A 553 9.41 -3.19 -10.87
CA GLY A 553 7.99 -3.49 -10.98
C GLY A 553 7.61 -3.60 -12.44
N LYS A 554 6.58 -4.39 -12.73
CA LYS A 554 6.13 -4.58 -14.11
C LYS A 554 5.20 -3.45 -14.53
N LEU A 555 5.49 -2.82 -15.66
CA LEU A 555 4.65 -1.75 -16.19
C LEU A 555 4.61 -1.85 -17.71
N ARG A 556 3.51 -2.39 -18.23
CA ARG A 556 3.35 -2.54 -19.68
C ARG A 556 2.86 -1.25 -20.31
N LEU A 557 3.55 -0.81 -21.35
CA LEU A 557 3.17 0.39 -22.07
C LEU A 557 2.46 -0.09 -23.34
N PHE A 558 1.14 -0.01 -23.34
CA PHE A 558 0.30 -0.44 -24.46
C PHE A 558 0.46 0.39 -25.73
N ASP A 559 -0.05 -0.15 -26.83
CA ASP A 559 -0.02 0.55 -28.10
C ASP A 559 -1.35 1.31 -28.09
N VAL A 560 -1.31 2.60 -28.37
CA VAL A 560 -2.51 3.40 -28.35
C VAL A 560 -2.61 4.33 -29.55
N ILE A 561 -3.79 4.90 -29.76
CA ILE A 561 -4.02 5.82 -30.87
C ILE A 561 -4.24 7.20 -30.25
N GLU A 562 -3.16 7.97 -30.15
CA GLU A 562 -3.23 9.29 -29.55
C GLU A 562 -3.83 10.36 -30.44
N ASN A 563 -3.25 10.37 -31.63
CA ASN A 563 -3.75 11.36 -32.57
C ASN A 563 -4.12 10.67 -33.86
N GLY A 564 -5.19 9.86 -33.80
CA GLY A 564 -5.50 9.11 -35.01
C GLY A 564 -4.24 8.40 -35.47
N GLN A 565 -3.20 8.34 -34.65
CA GLN A 565 -1.98 7.65 -35.01
C GLN A 565 -1.59 6.68 -33.88
N GLU A 566 -1.04 5.52 -34.25
CA GLU A 566 -0.63 4.54 -33.27
C GLU A 566 0.72 4.94 -32.68
N GLN A 567 0.92 4.63 -31.40
CA GLN A 567 2.16 4.95 -30.72
C GLN A 567 2.24 4.13 -29.43
N VAL A 568 3.45 3.97 -28.91
CA VAL A 568 3.65 3.27 -27.65
C VAL A 568 3.26 4.27 -26.58
N GLU A 569 2.28 3.91 -25.76
CA GLU A 569 1.81 4.79 -24.68
C GLU A 569 2.94 5.52 -23.95
N THR A 570 2.71 6.79 -23.61
CA THR A 570 3.71 7.61 -22.92
C THR A 570 3.95 7.17 -21.47
N LEU A 571 5.21 7.11 -21.08
CA LEU A 571 5.58 6.76 -19.71
C LEU A 571 5.50 8.05 -18.92
N ASP A 572 4.45 8.19 -18.14
CA ASP A 572 4.21 9.39 -17.34
C ASP A 572 4.78 9.19 -15.92
N LEU A 573 6.01 9.65 -15.70
CA LEU A 573 6.69 9.48 -14.41
C LEU A 573 6.54 10.59 -13.37
N THR A 574 6.57 10.17 -12.12
CA THR A 574 6.53 11.07 -10.96
C THR A 574 7.37 10.40 -9.89
N VAL A 575 8.51 10.99 -9.55
CA VAL A 575 9.36 10.42 -8.52
C VAL A 575 9.43 11.40 -7.35
N VAL A 576 9.00 10.94 -6.18
CA VAL A 576 9.05 11.79 -5.00
C VAL A 576 10.19 11.34 -4.13
N VAL A 577 11.12 12.23 -3.87
CA VAL A 577 12.26 11.90 -3.04
C VAL A 577 12.15 12.73 -1.76
N ASP A 578 11.86 12.09 -0.62
CA ASP A 578 11.63 12.62 0.72
C ASP A 578 12.74 12.03 1.58
N ASN A 579 14.00 12.61 1.46
CA ASN A 579 15.29 12.11 1.86
C ASN A 579 15.49 10.71 1.28
N ALA A 580 15.71 9.72 2.24
CA ALA A 580 15.93 8.36 1.75
C ALA A 580 14.64 7.69 1.26
N VAL A 581 13.51 8.23 1.51
CA VAL A 581 12.29 7.59 1.04
C VAL A 581 12.06 7.99 -0.41
N VAL A 582 12.11 7.01 -1.32
CA VAL A 582 11.91 7.26 -2.74
C VAL A 582 10.67 6.53 -3.24
N GLU A 583 9.74 7.28 -3.82
CA GLU A 583 8.50 6.69 -4.35
C GLU A 583 8.38 6.98 -5.86
N VAL A 584 8.35 5.91 -6.65
CA VAL A 584 8.23 6.05 -8.10
C VAL A 584 6.79 5.72 -8.52
N TYR A 585 6.12 6.70 -9.13
CA TYR A 585 4.75 6.55 -9.59
C TYR A 585 4.75 6.63 -11.10
N ALA A 586 3.81 5.94 -11.72
CA ALA A 586 3.73 5.97 -13.18
C ALA A 586 2.32 5.73 -13.70
N ASN A 587 1.95 6.52 -14.70
CA ASN A 587 0.67 6.45 -15.37
C ASN A 587 -0.54 6.20 -14.48
N GLY A 588 -0.36 6.78 -13.21
CA GLY A 588 -1.40 6.56 -12.22
C GLY A 588 -1.73 5.11 -12.00
N ARG A 589 -1.12 4.24 -12.64
CA ARG A 589 -1.47 2.85 -12.40
C ARG A 589 -0.29 2.00 -11.93
N PHE A 590 0.74 2.70 -11.17
CA PHE A 590 1.94 1.98 -10.75
C PHE A 590 2.72 2.71 -9.64
N ALA A 591 3.19 1.94 -8.66
CA ALA A 591 3.97 2.49 -7.56
C ALA A 591 5.06 1.51 -7.13
N LEU A 592 6.25 2.06 -6.91
CA LEU A 592 7.38 1.26 -6.46
C LEU A 592 8.14 2.16 -5.50
N SER A 593 8.25 1.72 -4.26
CA SER A 593 8.92 2.51 -3.24
C SER A 593 10.07 1.75 -2.61
N THR A 594 11.10 2.48 -2.19
CA THR A 594 12.28 1.85 -1.60
C THR A 594 13.09 2.89 -0.84
N TRP A 595 14.15 2.43 -0.16
CA TRP A 595 15.03 3.32 0.58
C TRP A 595 16.27 3.60 -0.26
N ALA A 596 16.66 4.86 -0.35
CA ALA A 596 17.86 5.25 -1.09
C ALA A 596 18.71 6.02 -0.10
N ARG A 597 19.46 5.18 0.70
CA ARG A 597 20.28 5.77 1.75
C ARG A 597 21.63 6.25 1.26
N SER A 598 21.58 7.42 0.50
CA SER A 598 22.82 8.04 0.04
C SER A 598 23.46 8.73 1.24
N TRP A 599 24.78 8.85 1.22
CA TRP A 599 25.52 9.44 2.34
C TRP A 599 25.95 10.91 2.27
N TYR A 600 26.57 11.31 1.18
CA TYR A 600 27.07 12.67 1.02
C TYR A 600 26.04 13.78 0.78
N ASP A 601 26.24 14.93 1.42
CA ASP A 601 25.31 16.06 1.23
C ASP A 601 25.28 16.51 -0.22
N ASN A 602 26.39 16.29 -0.93
CA ASN A 602 26.50 16.71 -2.32
C ASN A 602 25.85 15.78 -3.34
N SER A 603 25.38 14.61 -2.90
CA SER A 603 24.75 13.67 -3.82
C SER A 603 23.30 14.06 -4.08
N THR A 604 23.14 15.12 -4.87
CA THR A 604 21.83 15.65 -5.23
C THR A 604 21.71 15.93 -6.73
N GLN A 605 22.73 15.55 -7.49
CA GLN A 605 22.71 15.74 -8.93
C GLN A 605 21.64 14.84 -9.56
N ILE A 606 21.11 15.29 -10.69
CA ILE A 606 20.12 14.51 -11.44
C ILE A 606 20.59 14.53 -12.91
N ARG A 607 20.56 13.35 -13.54
CA ARG A 607 21.01 13.22 -14.93
C ARG A 607 20.05 12.40 -15.78
N PHE A 608 19.99 12.72 -17.07
CA PHE A 608 19.18 11.95 -18.02
C PHE A 608 20.04 10.70 -18.23
N PHE A 609 19.42 9.55 -18.48
CA PHE A 609 20.17 8.32 -18.70
C PHE A 609 19.59 7.52 -19.87
N HIS A 610 20.47 6.97 -20.70
CA HIS A 610 20.06 6.15 -21.85
C HIS A 610 21.21 5.20 -22.15
N ASN A 611 20.89 3.93 -22.35
CA ASN A 611 21.94 2.94 -22.62
C ASN A 611 22.28 2.77 -24.10
N GLY A 612 21.76 3.65 -24.94
CA GLY A 612 22.06 3.58 -26.35
C GLY A 612 21.27 2.56 -27.15
N GLU A 613 20.57 1.65 -26.45
CA GLU A 613 19.76 0.65 -27.12
C GLU A 613 18.38 1.24 -27.41
N GLY A 614 18.13 1.57 -28.67
CA GLY A 614 16.84 2.15 -29.01
C GLY A 614 16.93 3.65 -28.88
N GLU A 615 15.79 4.31 -28.79
CA GLU A 615 15.76 5.76 -28.67
C GLU A 615 14.65 6.21 -27.74
N VAL A 616 14.86 7.34 -27.08
CA VAL A 616 13.86 7.88 -26.16
C VAL A 616 13.75 9.40 -26.27
N GLN A 617 12.53 9.89 -26.13
CA GLN A 617 12.27 11.32 -26.17
C GLN A 617 11.74 11.78 -24.82
N PHE A 618 12.51 12.60 -24.13
CA PHE A 618 12.10 13.15 -22.83
C PHE A 618 11.30 14.43 -23.04
N ARG A 619 10.18 14.55 -22.35
CA ARG A 619 9.34 15.74 -22.45
C ARG A 619 8.78 16.16 -21.10
N ASN A 620 8.51 17.46 -20.97
CA ASN A 620 7.96 18.01 -19.73
C ASN A 620 8.72 17.53 -18.51
N VAL A 621 10.03 17.66 -18.54
CA VAL A 621 10.86 17.26 -17.42
C VAL A 621 10.92 18.47 -16.48
N SER A 622 10.63 18.25 -15.21
CA SER A 622 10.65 19.32 -14.23
C SER A 622 10.96 18.82 -12.83
N VAL A 623 11.50 19.70 -12.02
CA VAL A 623 11.86 19.38 -10.64
C VAL A 623 11.32 20.44 -9.72
N SER A 624 10.59 20.00 -8.69
CA SER A 624 10.06 20.90 -7.68
C SER A 624 10.81 20.52 -6.41
N GLU A 625 11.59 21.46 -5.88
CA GLU A 625 12.39 21.19 -4.68
C GLU A 625 11.85 21.80 -3.40
N GLY A 626 11.95 21.04 -2.31
CA GLY A 626 11.50 21.50 -1.01
C GLY A 626 10.48 20.65 -0.28
N LEU A 627 9.45 20.20 -0.99
CA LEU A 627 8.38 19.41 -0.37
C LEU A 627 7.83 20.29 0.77
N TYR A 628 7.52 19.69 1.91
CA TYR A 628 6.99 20.45 3.04
C TYR A 628 7.05 19.65 4.34
N ASN A 629 6.85 20.34 5.46
CA ASN A 629 6.89 19.69 6.77
C ASN A 629 5.52 19.11 7.08
N ALA A 630 5.45 17.78 7.19
CA ALA A 630 4.18 17.12 7.48
C ALA A 630 3.78 17.17 8.96
N TRP A 631 4.72 17.54 9.83
CA TRP A 631 4.44 17.61 11.26
C TRP A 631 4.82 18.97 11.86
N PRO A 632 4.03 20.00 11.57
CA PRO A 632 4.28 21.36 12.07
C PRO A 632 4.49 21.46 13.58
N GLU A 633 3.67 20.76 14.35
CA GLU A 633 3.75 20.81 15.80
C GLU A 633 4.99 20.20 16.44
N ARG A 634 5.63 19.25 15.77
CA ARG A 634 6.82 18.65 16.34
C ARG A 634 7.97 19.66 16.26
#